data_3RGU
#
_entry.id   3RGU
#
_cell.length_a   121.885
_cell.length_b   121.885
_cell.length_c   117.980
_cell.angle_alpha   90.00
_cell.angle_beta   90.00
_cell.angle_gamma   90.00
#
_symmetry.space_group_name_H-M   'P 43 21 2'
#
loop_
_entity.id
_entity.type
_entity.pdbx_description
1 polymer 'Fimbriae-associated protein Fap1'
2 non-polymer alpha-D-glucopyranose
3 water water
#
_entity_poly.entity_id   1
_entity_poly.type   'polypeptide(L)'
_entity_poly.pdbx_seq_one_letter_code
;MRGSHHHHHHGLVPRGSKGTEEKQDSVRENLDKMISEAEVLNDMAARKLITLDAEQQLELMKSLVATQSQLEATKNLIGD
PNATVADLQIAYTTLGNNTQALGNELIKLNPNGQIYAVLNNTEASRAATLRS
;
_entity_poly.pdbx_strand_id   A,B,C,D
#
loop_
_chem_comp.id
_chem_comp.type
_chem_comp.name
_chem_comp.formula
GLC D-saccharide, alpha linking alpha-D-glucopyranose 'C6 H12 O6'
#
# COMPACT_ATOMS: atom_id res chain seq x y z
N ASP A 25 4.22 14.36 27.66
CA ASP A 25 3.01 13.85 27.03
C ASP A 25 2.85 14.54 25.71
N SER A 26 2.55 13.78 24.67
CA SER A 26 2.63 14.29 23.32
C SER A 26 1.51 15.18 22.86
N VAL A 27 1.89 16.17 22.06
CA VAL A 27 0.99 17.17 21.57
C VAL A 27 -0.23 16.45 21.07
N ARG A 28 -1.32 17.20 20.94
CA ARG A 28 -2.48 16.72 20.24
C ARG A 28 -2.12 16.10 18.89
N GLU A 29 -0.89 16.32 18.43
CA GLU A 29 -0.50 15.75 17.18
C GLU A 29 0.46 14.56 17.25
N ASN A 30 -0.04 13.58 18.00
CA ASN A 30 0.15 12.16 17.75
C ASN A 30 -1.09 11.69 16.97
N LEU A 31 -1.50 12.52 16.02
CA LEU A 31 -2.44 12.13 14.99
C LEU A 31 -1.54 11.61 13.90
N ASP A 32 -0.46 12.34 13.66
CA ASP A 32 0.60 11.91 12.77
C ASP A 32 0.85 10.42 12.93
N LYS A 33 0.77 9.94 14.17
CA LYS A 33 0.89 8.52 14.47
C LYS A 33 -0.33 7.72 14.08
N MET A 34 -1.52 8.27 14.32
CA MET A 34 -2.76 7.59 14.00
C MET A 34 -2.94 7.64 12.49
N ILE A 35 -2.63 8.79 11.91
CA ILE A 35 -2.67 8.94 10.47
C ILE A 35 -1.82 7.91 9.73
N SER A 36 -0.60 7.67 10.16
CA SER A 36 0.22 6.73 9.43
C SER A 36 -0.21 5.29 9.75
N GLU A 37 -0.82 5.08 10.90
CA GLU A 37 -1.37 3.77 11.20
C GLU A 37 -2.60 3.45 10.34
N ALA A 38 -3.44 4.47 10.15
CA ALA A 38 -4.67 4.30 9.38
C ALA A 38 -4.34 3.97 7.94
N GLU A 39 -3.35 4.68 7.40
CA GLU A 39 -2.87 4.46 6.03
C GLU A 39 -2.46 3.01 5.82
N VAL A 40 -1.71 2.47 6.77
CA VAL A 40 -1.20 1.12 6.63
C VAL A 40 -2.32 0.07 6.66
N LEU A 41 -3.25 0.21 7.59
CA LEU A 41 -4.37 -0.71 7.61
C LEU A 41 -5.19 -0.61 6.36
N ASN A 42 -5.38 0.61 5.89
CA ASN A 42 -6.13 0.85 4.66
C ASN A 42 -5.49 0.17 3.45
N ASP A 43 -4.17 0.26 3.34
CA ASP A 43 -3.39 -0.47 2.34
C ASP A 43 -3.61 -1.97 2.49
N MET A 44 -3.41 -2.49 3.70
CA MET A 44 -3.64 -3.91 3.94
C MET A 44 -5.02 -4.35 3.54
N ALA A 45 -6.00 -3.50 3.77
CA ALA A 45 -7.37 -3.92 3.56
C ALA A 45 -7.64 -3.98 2.07
N ALA A 46 -7.10 -3.02 1.34
CA ALA A 46 -7.32 -2.97 -0.09
C ALA A 46 -6.77 -4.24 -0.76
N ARG A 47 -5.73 -4.83 -0.17
N ARG A 47 -5.71 -4.83 -0.16
CA ARG A 47 -5.20 -6.11 -0.64
CA ARG A 47 -5.17 -6.14 -0.60
C ARG A 47 -6.17 -7.29 -0.19
C ARG A 47 -6.18 -7.28 -0.19
N LYS A 48 -6.59 -7.39 1.06
CA LYS A 48 -7.45 -8.50 1.41
C LYS A 48 -8.71 -8.47 0.63
N LEU A 49 -8.93 -7.41 -0.09
CA LEU A 49 -10.16 -7.11 -0.76
C LEU A 49 -10.45 -8.03 -1.93
N ILE A 50 -9.50 -8.12 -2.86
CA ILE A 50 -9.67 -8.98 -4.04
C ILE A 50 -9.87 -10.47 -3.71
N THR A 51 -9.28 -10.91 -2.60
CA THR A 51 -9.27 -12.33 -2.24
C THR A 51 -10.52 -12.78 -1.49
N LEU A 52 -11.58 -11.99 -1.56
CA LEU A 52 -12.75 -12.24 -0.73
C LEU A 52 -13.99 -12.39 -1.57
N ASP A 53 -14.93 -13.19 -1.09
CA ASP A 53 -16.21 -13.32 -1.76
C ASP A 53 -17.06 -12.10 -1.47
N ALA A 54 -18.07 -11.89 -2.31
CA ALA A 54 -18.98 -10.75 -2.20
C ALA A 54 -19.38 -10.43 -0.76
N GLU A 55 -20.03 -11.36 -0.08
CA GLU A 55 -20.57 -11.10 1.27
C GLU A 55 -19.53 -10.48 2.19
N GLN A 56 -18.32 -11.02 2.15
CA GLN A 56 -17.23 -10.56 3.00
C GLN A 56 -16.55 -9.31 2.45
N GLN A 57 -16.50 -9.21 1.13
CA GLN A 57 -15.89 -8.06 0.47
C GLN A 57 -16.59 -6.76 0.88
N LEU A 58 -17.92 -6.81 0.94
CA LEU A 58 -18.70 -5.64 1.30
C LEU A 58 -18.53 -5.25 2.75
N GLU A 59 -18.41 -6.23 3.64
CA GLU A 59 -18.18 -5.94 5.06
C GLU A 59 -16.90 -5.15 5.28
N LEU A 60 -15.87 -5.58 4.57
CA LEU A 60 -14.59 -4.95 4.69
C LEU A 60 -14.69 -3.57 4.07
N MET A 61 -15.34 -3.48 2.92
CA MET A 61 -15.39 -2.23 2.20
C MET A 61 -16.04 -1.16 3.08
N LYS A 62 -17.08 -1.54 3.81
CA LYS A 62 -17.82 -0.57 4.63
C LYS A 62 -16.88 0.04 5.67
N SER A 63 -16.06 -0.77 6.30
CA SER A 63 -15.17 -0.19 7.29
C SER A 63 -13.97 0.48 6.66
N LEU A 64 -13.50 -0.05 5.54
CA LEU A 64 -12.40 0.57 4.84
C LEU A 64 -12.80 1.96 4.38
N VAL A 65 -13.93 2.09 3.68
CA VAL A 65 -14.27 3.40 3.13
C VAL A 65 -14.39 4.43 4.25
N ALA A 66 -14.96 4.01 5.38
CA ALA A 66 -15.16 4.91 6.52
C ALA A 66 -13.83 5.41 7.02
N THR A 67 -12.89 4.48 7.17
CA THR A 67 -11.58 4.85 7.62
C THR A 67 -10.92 5.78 6.61
N GLN A 68 -11.09 5.48 5.33
CA GLN A 68 -10.47 6.31 4.30
C GLN A 68 -11.04 7.72 4.30
N SER A 69 -12.33 7.81 4.61
CA SER A 69 -13.04 9.05 4.57
C SER A 69 -12.59 9.96 5.70
N GLN A 70 -12.51 9.36 6.88
CA GLN A 70 -12.15 10.03 8.11
C GLN A 70 -10.69 10.47 8.05
N LEU A 71 -9.84 9.59 7.55
CA LEU A 71 -8.44 9.90 7.37
C LEU A 71 -8.23 11.13 6.53
N GLU A 72 -9.04 11.27 5.48
CA GLU A 72 -8.88 12.38 4.56
C GLU A 72 -9.32 13.65 5.21
N ALA A 73 -10.33 13.54 6.07
CA ALA A 73 -10.86 14.68 6.81
C ALA A 73 -9.83 15.14 7.83
N THR A 74 -9.24 14.17 8.51
CA THR A 74 -8.27 14.45 9.53
C THR A 74 -7.06 15.10 8.90
N LYS A 75 -6.73 14.70 7.68
CA LYS A 75 -5.59 15.29 6.97
C LYS A 75 -5.86 16.75 6.66
N ASN A 76 -7.09 17.05 6.24
CA ASN A 76 -7.47 18.41 5.95
C ASN A 76 -7.45 19.25 7.20
N LEU A 77 -7.89 18.66 8.30
CA LEU A 77 -8.09 19.44 9.51
C LEU A 77 -6.78 19.90 10.03
N ILE A 78 -5.84 18.98 10.18
CA ILE A 78 -4.51 19.36 10.66
C ILE A 78 -3.78 20.31 9.72
N GLY A 79 -4.27 20.46 8.50
CA GLY A 79 -3.74 21.44 7.56
C GLY A 79 -4.09 22.86 7.99
N ASP A 80 -5.28 23.01 8.56
CA ASP A 80 -5.71 24.25 9.21
C ASP A 80 -4.90 24.46 10.49
N PRO A 81 -3.94 25.38 10.43
CA PRO A 81 -3.09 25.67 11.59
C PRO A 81 -3.87 26.27 12.74
N ASN A 82 -5.17 26.48 12.55
CA ASN A 82 -6.03 27.06 13.57
C ASN A 82 -6.86 26.00 14.28
N ALA A 83 -7.98 25.63 13.64
CA ALA A 83 -8.88 24.63 14.20
C ALA A 83 -9.12 24.82 15.69
N THR A 84 -8.91 23.76 16.46
CA THR A 84 -9.11 23.80 17.91
C THR A 84 -8.64 22.52 18.58
N VAL A 85 -8.41 22.58 19.89
CA VAL A 85 -7.95 21.42 20.64
C VAL A 85 -9.04 20.35 20.73
N ALA A 86 -10.28 20.76 20.48
CA ALA A 86 -11.40 19.85 20.53
C ALA A 86 -11.59 19.17 19.19
N ASP A 87 -11.74 19.96 18.13
CA ASP A 87 -11.93 19.40 16.80
C ASP A 87 -10.81 18.43 16.44
N LEU A 88 -9.60 18.78 16.84
CA LEU A 88 -8.44 17.90 16.70
C LEU A 88 -8.60 16.68 17.54
N GLN A 89 -9.12 16.86 18.74
CA GLN A 89 -9.25 15.75 19.66
C GLN A 89 -10.32 14.76 19.16
N ILE A 90 -11.37 15.30 18.53
CA ILE A 90 -12.43 14.48 18.00
C ILE A 90 -11.89 13.71 16.80
N ALA A 91 -11.20 14.44 15.93
CA ALA A 91 -10.54 13.84 14.78
C ALA A 91 -9.72 12.62 15.20
N TYR A 92 -8.86 12.82 16.20
CA TYR A 92 -8.04 11.73 16.71
C TYR A 92 -8.91 10.58 17.18
N THR A 93 -9.92 10.88 18.00
CA THR A 93 -10.70 9.81 18.62
C THR A 93 -11.48 9.04 17.55
N THR A 94 -12.05 9.76 16.60
CA THR A 94 -12.86 9.16 15.56
C THR A 94 -11.99 8.33 14.61
N LEU A 95 -10.91 8.96 14.12
CA LEU A 95 -9.98 8.27 13.25
C LEU A 95 -9.47 7.01 13.92
N GLY A 96 -9.21 7.11 15.23
CA GLY A 96 -8.72 5.97 16.00
C GLY A 96 -9.74 4.86 16.03
N ASN A 97 -10.99 5.21 16.33
CA ASN A 97 -12.09 4.24 16.42
C ASN A 97 -12.32 3.52 15.12
N ASN A 98 -12.29 4.28 14.02
CA ASN A 98 -12.42 3.69 12.70
C ASN A 98 -11.29 2.73 12.39
N THR A 99 -10.05 3.16 12.65
CA THR A 99 -8.86 2.33 12.48
C THR A 99 -8.97 1.09 13.35
N GLN A 100 -9.39 1.25 14.59
CA GLN A 100 -9.52 0.11 15.47
C GLN A 100 -10.46 -0.92 14.85
N ALA A 101 -11.62 -0.45 14.40
CA ALA A 101 -12.63 -1.33 13.82
C ALA A 101 -12.20 -2.10 12.57
N LEU A 102 -11.48 -1.41 11.69
CA LEU A 102 -10.90 -1.99 10.51
C LEU A 102 -9.96 -3.11 10.89
N GLY A 103 -9.20 -2.90 11.96
CA GLY A 103 -8.33 -3.93 12.53
C GLY A 103 -9.09 -5.19 12.86
N ASN A 104 -10.17 -5.05 13.61
CA ASN A 104 -10.94 -6.22 14.03
C ASN A 104 -11.55 -6.92 12.84
N GLU A 105 -11.96 -6.14 11.84
CA GLU A 105 -12.52 -6.69 10.62
C GLU A 105 -11.46 -7.54 9.92
N LEU A 106 -10.25 -7.01 9.84
CA LEU A 106 -9.13 -7.73 9.24
C LEU A 106 -8.81 -9.04 9.96
N ILE A 107 -8.79 -8.99 11.29
CA ILE A 107 -8.58 -10.17 12.11
C ILE A 107 -9.75 -11.16 11.94
N LYS A 108 -10.97 -10.64 11.92
CA LYS A 108 -12.15 -11.48 11.76
C LYS A 108 -12.14 -12.32 10.47
N LEU A 109 -11.37 -11.88 9.48
CA LEU A 109 -11.29 -12.60 8.21
C LEU A 109 -10.11 -13.56 8.19
N ASN A 110 -8.97 -13.11 8.70
CA ASN A 110 -7.76 -13.93 8.74
C ASN A 110 -7.03 -13.81 10.07
N PRO A 111 -7.55 -14.50 11.08
CA PRO A 111 -6.93 -14.47 12.42
C PRO A 111 -5.42 -14.56 12.35
N ASN A 112 -4.91 -15.48 11.53
CA ASN A 112 -3.47 -15.67 11.37
C ASN A 112 -2.68 -14.87 12.40
N SER B 26 -39.72 -11.70 -14.88
CA SER B 26 -38.73 -12.42 -15.67
C SER B 26 -38.61 -11.81 -17.04
N VAL B 27 -39.08 -10.59 -17.18
CA VAL B 27 -38.91 -9.83 -18.40
C VAL B 27 -37.61 -9.05 -18.36
N ARG B 28 -37.42 -8.33 -17.26
CA ARG B 28 -36.18 -7.62 -16.99
C ARG B 28 -35.26 -8.30 -15.97
N GLU B 29 -35.43 -9.61 -15.72
CA GLU B 29 -34.63 -10.23 -14.74
C GLU B 29 -33.37 -10.50 -15.48
N ASN B 30 -33.20 -9.76 -16.56
CA ASN B 30 -31.94 -9.61 -17.22
C ASN B 30 -31.01 -8.89 -16.26
N LEU B 31 -31.60 -8.39 -15.17
CA LEU B 31 -30.78 -7.74 -14.17
C LEU B 31 -29.47 -8.54 -14.15
N ASP B 32 -29.60 -9.85 -14.33
CA ASP B 32 -28.44 -10.73 -14.38
C ASP B 32 -27.31 -10.13 -15.21
N LYS B 33 -27.64 -9.68 -16.42
CA LYS B 33 -26.66 -9.04 -17.29
C LYS B 33 -25.93 -7.94 -16.55
N MET B 34 -26.69 -7.03 -15.96
CA MET B 34 -26.12 -5.94 -15.14
C MET B 34 -25.30 -6.48 -13.97
N ILE B 35 -25.87 -7.41 -13.24
CA ILE B 35 -25.19 -8.07 -12.16
C ILE B 35 -23.81 -8.53 -12.61
N SER B 36 -23.74 -9.02 -13.85
CA SER B 36 -22.47 -9.50 -14.42
C SER B 36 -21.52 -8.35 -14.70
N GLU B 37 -22.10 -7.22 -15.12
CA GLU B 37 -21.33 -6.05 -15.50
C GLU B 37 -20.73 -5.43 -14.26
N ALA B 38 -21.54 -5.33 -13.21
CA ALA B 38 -21.09 -4.71 -11.99
C ALA B 38 -20.03 -5.59 -11.37
N GLU B 39 -20.27 -6.90 -11.35
CA GLU B 39 -19.27 -7.82 -10.82
C GLU B 39 -17.88 -7.67 -11.45
N VAL B 40 -17.84 -7.35 -12.74
CA VAL B 40 -16.56 -7.17 -13.44
C VAL B 40 -15.97 -5.84 -13.01
N LEU B 41 -16.72 -4.76 -13.21
CA LEU B 41 -16.30 -3.42 -12.80
C LEU B 41 -15.81 -3.38 -11.34
N ASN B 42 -16.54 -4.10 -10.50
CA ASN B 42 -16.23 -4.25 -9.10
C ASN B 42 -14.86 -4.83 -8.81
N ASP B 43 -14.49 -5.91 -9.46
CA ASP B 43 -13.16 -6.49 -9.25
C ASP B 43 -12.10 -5.67 -9.94
N MET B 44 -12.52 -4.92 -10.95
CA MET B 44 -11.62 -4.11 -11.73
C MET B 44 -11.20 -2.98 -10.80
N ALA B 45 -12.19 -2.33 -10.18
CA ALA B 45 -11.96 -1.23 -9.23
C ALA B 45 -11.18 -1.65 -8.01
N ALA B 46 -11.53 -2.80 -7.45
CA ALA B 46 -10.86 -3.33 -6.26
C ALA B 46 -9.37 -3.49 -6.53
N ARG B 47 -9.05 -3.91 -7.74
CA ARG B 47 -7.68 -4.15 -8.10
C ARG B 47 -7.02 -2.82 -8.39
N LYS B 48 -7.73 -1.96 -9.12
CA LYS B 48 -7.22 -0.64 -9.50
C LYS B 48 -6.87 0.20 -8.29
N LEU B 49 -7.45 -0.14 -7.15
CA LEU B 49 -7.41 0.70 -5.96
C LEU B 49 -5.99 1.05 -5.50
N ILE B 50 -5.15 0.05 -5.42
CA ILE B 50 -3.80 0.19 -4.86
C ILE B 50 -2.93 1.20 -5.60
N THR B 51 -3.27 1.43 -6.85
CA THR B 51 -2.42 2.18 -7.74
C THR B 51 -2.75 3.70 -7.80
N LEU B 52 -3.64 4.13 -6.91
CA LEU B 52 -4.15 5.51 -6.94
C LEU B 52 -3.67 6.24 -5.69
N ASP B 53 -3.74 7.57 -5.74
CA ASP B 53 -3.43 8.36 -4.55
C ASP B 53 -4.61 8.35 -3.58
N ALA B 54 -4.48 9.00 -2.43
CA ALA B 54 -5.53 8.86 -1.41
C ALA B 54 -6.83 9.57 -1.78
N GLU B 55 -6.76 10.81 -2.29
CA GLU B 55 -7.98 11.54 -2.68
C GLU B 55 -8.83 10.72 -3.66
N GLN B 56 -8.19 10.15 -4.68
CA GLN B 56 -8.93 9.42 -5.70
C GLN B 56 -9.25 7.99 -5.28
N GLN B 57 -8.44 7.45 -4.38
CA GLN B 57 -8.70 6.15 -3.83
C GLN B 57 -10.02 6.17 -3.07
N LEU B 58 -10.25 7.28 -2.38
CA LEU B 58 -11.48 7.45 -1.64
C LEU B 58 -12.70 7.60 -2.55
N GLU B 59 -12.56 8.39 -3.61
CA GLU B 59 -13.74 8.62 -4.43
C GLU B 59 -14.14 7.38 -5.24
N LEU B 60 -13.17 6.52 -5.48
CA LEU B 60 -13.42 5.22 -6.05
C LEU B 60 -14.12 4.40 -4.98
N MET B 61 -13.52 4.34 -3.79
CA MET B 61 -14.08 3.57 -2.66
C MET B 61 -15.56 3.92 -2.42
N LYS B 62 -15.90 5.19 -2.55
CA LYS B 62 -17.27 5.62 -2.44
C LYS B 62 -18.18 4.94 -3.48
N SER B 63 -17.84 5.05 -4.75
CA SER B 63 -18.73 4.48 -5.76
C SER B 63 -18.63 2.96 -5.76
N LEU B 64 -17.50 2.45 -5.30
CA LEU B 64 -17.36 1.01 -5.12
C LEU B 64 -18.34 0.46 -4.06
N VAL B 65 -18.29 1.00 -2.84
CA VAL B 65 -19.14 0.51 -1.75
C VAL B 65 -20.60 0.56 -2.17
N ALA B 66 -20.96 1.63 -2.89
CA ALA B 66 -22.31 1.84 -3.38
C ALA B 66 -22.74 0.74 -4.33
N THR B 67 -21.95 0.52 -5.37
CA THR B 67 -22.21 -0.52 -6.34
C THR B 67 -22.23 -1.84 -5.61
N GLN B 68 -21.29 -1.99 -4.71
CA GLN B 68 -21.04 -3.26 -4.07
C GLN B 68 -22.23 -3.67 -3.23
N SER B 69 -22.84 -2.70 -2.56
CA SER B 69 -23.88 -3.01 -1.63
C SER B 69 -25.19 -3.21 -2.36
N GLN B 70 -25.51 -2.30 -3.26
CA GLN B 70 -26.70 -2.38 -4.11
C GLN B 70 -26.74 -3.73 -4.85
N LEU B 71 -25.57 -4.24 -5.21
CA LEU B 71 -25.44 -5.56 -5.76
C LEU B 71 -25.79 -6.74 -4.88
N GLU B 72 -25.24 -6.77 -3.66
CA GLU B 72 -25.57 -7.81 -2.71
C GLU B 72 -27.08 -7.94 -2.46
N ALA B 73 -27.77 -6.81 -2.58
CA ALA B 73 -29.22 -6.75 -2.38
C ALA B 73 -29.92 -7.26 -3.63
N THR B 74 -29.69 -6.58 -4.75
CA THR B 74 -30.22 -7.08 -6.00
C THR B 74 -30.08 -8.59 -6.00
N LYS B 75 -28.96 -9.10 -5.48
CA LYS B 75 -28.81 -10.54 -5.27
C LYS B 75 -29.87 -11.10 -4.30
N ASN B 76 -30.16 -10.37 -3.22
CA ASN B 76 -31.21 -10.83 -2.29
C ASN B 76 -32.59 -10.81 -2.91
N LEU B 77 -32.87 -9.79 -3.72
CA LEU B 77 -34.21 -9.59 -4.24
C LEU B 77 -34.58 -10.70 -5.20
N ILE B 78 -33.72 -10.97 -6.19
CA ILE B 78 -33.98 -12.02 -7.18
C ILE B 78 -34.07 -13.45 -6.58
N GLY B 79 -33.46 -13.65 -5.41
CA GLY B 79 -33.51 -14.93 -4.68
C GLY B 79 -34.87 -15.28 -4.10
N ASP B 80 -35.58 -14.28 -3.56
CA ASP B 80 -36.99 -14.46 -3.19
C ASP B 80 -37.81 -14.52 -4.49
N PRO B 81 -38.25 -15.74 -4.89
CA PRO B 81 -38.92 -15.88 -6.20
C PRO B 81 -40.28 -15.18 -6.21
N ASN B 82 -40.65 -14.61 -5.05
CA ASN B 82 -41.88 -13.85 -4.89
C ASN B 82 -41.65 -12.34 -5.10
N ALA B 83 -40.51 -11.99 -5.68
CA ALA B 83 -40.15 -10.61 -5.97
C ALA B 83 -41.18 -9.87 -6.83
N THR B 84 -41.39 -8.60 -6.53
CA THR B 84 -42.32 -7.72 -7.27
C THR B 84 -41.86 -7.47 -8.71
N VAL B 85 -42.70 -6.77 -9.48
CA VAL B 85 -42.33 -6.33 -10.81
C VAL B 85 -41.82 -4.89 -10.75
N ALA B 86 -42.46 -4.06 -9.92
CA ALA B 86 -42.06 -2.65 -9.75
C ALA B 86 -40.80 -2.49 -8.89
N ASP B 87 -40.65 -3.35 -7.89
CA ASP B 87 -39.43 -3.42 -7.10
C ASP B 87 -38.14 -3.71 -7.89
N LEU B 88 -38.15 -4.82 -8.63
CA LEU B 88 -36.97 -5.26 -9.37
C LEU B 88 -36.63 -4.20 -10.39
N GLN B 89 -37.66 -3.74 -11.08
CA GLN B 89 -37.53 -2.61 -12.01
C GLN B 89 -36.70 -1.48 -11.39
N ILE B 90 -36.95 -1.21 -10.11
CA ILE B 90 -36.18 -0.23 -9.37
C ILE B 90 -34.78 -0.77 -9.12
N ALA B 91 -34.68 -2.00 -8.63
CA ALA B 91 -33.39 -2.65 -8.47
C ALA B 91 -32.54 -2.46 -9.73
N TYR B 92 -33.13 -2.69 -10.89
CA TYR B 92 -32.40 -2.52 -12.14
C TYR B 92 -32.00 -1.07 -12.35
N THR B 93 -32.98 -0.19 -12.30
CA THR B 93 -32.77 1.21 -12.58
C THR B 93 -31.64 1.77 -11.67
N THR B 94 -31.63 1.35 -10.41
CA THR B 94 -30.62 1.83 -9.46
C THR B 94 -29.26 1.20 -9.67
N LEU B 95 -29.18 -0.13 -9.60
CA LEU B 95 -27.93 -0.84 -9.89
C LEU B 95 -27.26 -0.36 -11.20
N GLY B 96 -28.08 -0.07 -12.20
CA GLY B 96 -27.61 0.53 -13.44
C GLY B 96 -26.88 1.84 -13.24
N ASN B 97 -27.49 2.75 -12.48
CA ASN B 97 -26.86 4.03 -12.17
C ASN B 97 -25.53 3.88 -11.45
N ASN B 98 -25.50 2.94 -10.51
CA ASN B 98 -24.32 2.68 -9.72
C ASN B 98 -23.19 2.18 -10.58
N THR B 99 -23.52 1.16 -11.36
CA THR B 99 -22.55 0.51 -12.20
C THR B 99 -22.04 1.46 -13.31
N GLN B 100 -22.94 2.25 -13.89
CA GLN B 100 -22.53 3.31 -14.79
C GLN B 100 -21.51 4.25 -14.15
N ALA B 101 -21.79 4.66 -12.92
CA ALA B 101 -20.97 5.68 -12.26
C ALA B 101 -19.60 5.11 -11.91
N LEU B 102 -19.57 3.89 -11.40
CA LEU B 102 -18.32 3.18 -11.14
C LEU B 102 -17.50 3.06 -12.41
N GLY B 103 -18.20 2.78 -13.51
CA GLY B 103 -17.59 2.68 -14.81
C GLY B 103 -16.94 3.98 -15.22
N ASN B 104 -17.71 5.08 -15.21
CA ASN B 104 -17.14 6.39 -15.52
C ASN B 104 -15.96 6.67 -14.65
N GLU B 105 -15.99 6.17 -13.40
CA GLU B 105 -14.88 6.38 -12.47
C GLU B 105 -13.64 5.68 -12.97
N LEU B 106 -13.77 4.41 -13.31
CA LEU B 106 -12.62 3.65 -13.79
C LEU B 106 -12.03 4.27 -15.04
N ILE B 107 -12.90 4.83 -15.87
CA ILE B 107 -12.47 5.54 -17.06
C ILE B 107 -11.71 6.81 -16.69
N LYS B 108 -12.20 7.54 -15.70
CA LYS B 108 -11.64 8.84 -15.31
C LYS B 108 -10.36 8.76 -14.46
N LEU B 109 -10.42 7.99 -13.38
CA LEU B 109 -9.34 7.96 -12.37
C LEU B 109 -8.22 7.06 -12.81
N ASN B 110 -7.08 7.67 -13.12
CA ASN B 110 -5.86 6.91 -13.45
C ASN B 110 -4.65 7.42 -12.64
N PRO B 111 -3.64 6.56 -12.43
CA PRO B 111 -2.44 6.95 -11.67
C PRO B 111 -1.63 8.10 -12.29
N ASN B 112 -2.15 9.32 -12.15
CA ASN B 112 -1.48 10.58 -12.54
C ASN B 112 -0.46 10.50 -13.68
N SER C 26 38.01 20.36 -11.67
CA SER C 26 36.58 20.41 -11.27
C SER C 26 35.61 20.25 -12.45
N VAL C 27 36.07 19.64 -13.55
CA VAL C 27 35.23 19.36 -14.73
C VAL C 27 34.31 18.14 -14.50
N ARG C 28 34.93 17.02 -14.15
CA ARG C 28 34.21 15.85 -13.64
C ARG C 28 33.77 16.22 -12.22
N GLU C 29 32.90 17.22 -12.14
CA GLU C 29 32.09 17.53 -10.97
C GLU C 29 30.80 18.18 -11.49
N ASN C 30 30.57 17.85 -12.76
CA ASN C 30 29.26 17.65 -13.34
C ASN C 30 28.55 16.40 -12.75
N LEU C 31 29.17 15.83 -11.71
CA LEU C 31 28.55 14.80 -10.90
C LEU C 31 27.35 15.36 -10.16
N ASP C 32 27.50 16.55 -9.59
CA ASP C 32 26.38 17.24 -8.97
C ASP C 32 25.16 17.10 -9.89
N LYS C 33 25.38 17.23 -11.19
CA LYS C 33 24.34 17.03 -12.19
C LYS C 33 23.70 15.62 -12.12
N MET C 34 24.55 14.59 -12.04
CA MET C 34 24.12 13.19 -11.83
C MET C 34 23.52 12.97 -10.47
N ILE C 35 24.15 13.55 -9.46
CA ILE C 35 23.69 13.45 -8.09
C ILE C 35 22.25 13.92 -7.97
N SER C 36 21.91 15.02 -8.60
CA SER C 36 20.54 15.49 -8.40
C SER C 36 19.59 14.69 -9.27
N GLU C 37 20.09 14.07 -10.33
CA GLU C 37 19.26 13.17 -11.13
C GLU C 37 18.88 11.92 -10.33
N ALA C 38 19.87 11.39 -9.63
CA ALA C 38 19.65 10.28 -8.74
C ALA C 38 18.67 10.68 -7.66
N GLU C 39 18.88 11.86 -7.08
CA GLU C 39 18.03 12.31 -5.99
C GLU C 39 16.56 12.40 -6.41
N VAL C 40 16.32 12.80 -7.64
CA VAL C 40 14.96 12.99 -8.07
C VAL C 40 14.33 11.62 -8.36
N LEU C 41 15.01 10.82 -9.19
CA LEU C 41 14.63 9.42 -9.43
C LEU C 41 14.38 8.63 -8.14
N ASN C 42 15.25 8.83 -7.17
CA ASN C 42 15.17 8.22 -5.85
C ASN C 42 13.89 8.55 -5.11
N ASP C 43 13.58 9.82 -5.03
CA ASP C 43 12.35 10.27 -4.39
C ASP C 43 11.15 9.67 -5.13
N MET C 44 11.21 9.73 -6.46
CA MET C 44 10.15 9.25 -7.33
C MET C 44 9.86 7.78 -7.08
N ALA C 45 10.92 6.99 -6.98
CA ALA C 45 10.84 5.56 -6.71
C ALA C 45 10.25 5.25 -5.35
N ALA C 46 10.73 5.94 -4.31
CA ALA C 46 10.22 5.73 -2.95
C ALA C 46 8.71 5.95 -2.85
N ARG C 47 8.21 6.94 -3.59
CA ARG C 47 6.79 7.19 -3.61
C ARG C 47 6.03 6.12 -4.41
N LYS C 48 6.54 5.74 -5.58
CA LYS C 48 5.87 4.74 -6.43
C LYS C 48 5.75 3.41 -5.70
N LEU C 49 6.54 3.25 -4.64
CA LEU C 49 6.73 1.98 -3.96
C LEU C 49 5.44 1.46 -3.34
N ILE C 50 4.80 2.31 -2.55
CA ILE C 50 3.48 2.04 -1.99
C ILE C 50 2.48 1.48 -3.05
N THR C 51 2.72 1.72 -4.33
CA THR C 51 1.69 1.39 -5.32
C THR C 51 1.90 0.07 -6.06
N LEU C 52 2.93 -0.68 -5.70
CA LEU C 52 3.25 -1.89 -6.44
C LEU C 52 2.92 -3.18 -5.70
N ASP C 53 2.84 -4.27 -6.46
CA ASP C 53 2.71 -5.58 -5.84
C ASP C 53 4.06 -5.98 -5.23
N ALA C 54 4.06 -7.06 -4.46
CA ALA C 54 5.25 -7.44 -3.70
C ALA C 54 6.40 -7.81 -4.61
N GLU C 55 6.08 -8.52 -5.70
CA GLU C 55 7.10 -8.99 -6.60
C GLU C 55 7.91 -7.82 -7.15
N GLN C 56 7.21 -6.80 -7.62
CA GLN C 56 7.90 -5.71 -8.29
C GLN C 56 8.30 -4.66 -7.29
N GLN C 57 7.58 -4.58 -6.18
CA GLN C 57 8.04 -3.79 -5.07
C GLN C 57 9.50 -4.15 -4.68
N LEU C 58 9.81 -5.43 -4.74
CA LEU C 58 11.15 -5.88 -4.40
C LEU C 58 12.16 -5.51 -5.48
N GLU C 59 11.77 -5.60 -6.74
CA GLU C 59 12.66 -5.23 -7.84
C GLU C 59 13.09 -3.78 -7.72
N LEU C 60 12.15 -2.93 -7.34
CA LEU C 60 12.38 -1.51 -7.15
C LEU C 60 13.26 -1.31 -5.92
N MET C 61 12.91 -1.96 -4.82
CA MET C 61 13.71 -1.86 -3.59
C MET C 61 15.20 -2.18 -3.88
N LYS C 62 15.45 -3.19 -4.71
CA LYS C 62 16.82 -3.54 -5.06
C LYS C 62 17.53 -2.41 -5.80
N SER C 63 16.91 -1.85 -6.84
CA SER C 63 17.47 -0.69 -7.58
C SER C 63 17.67 0.53 -6.70
N LEU C 64 16.72 0.75 -5.82
CA LEU C 64 16.73 1.91 -4.95
C LEU C 64 17.89 1.82 -3.96
N VAL C 65 17.93 0.73 -3.18
CA VAL C 65 18.97 0.55 -2.17
C VAL C 65 20.33 0.81 -2.80
N ALA C 66 20.53 0.31 -4.03
CA ALA C 66 21.84 0.39 -4.66
C ALA C 66 22.20 1.84 -5.01
N THR C 67 21.28 2.52 -5.70
CA THR C 67 21.39 3.94 -6.04
C THR C 67 21.59 4.72 -4.77
N GLN C 68 20.72 4.46 -3.82
CA GLN C 68 20.65 5.22 -2.61
C GLN C 68 21.95 5.05 -1.82
N SER C 69 22.52 3.86 -1.89
CA SER C 69 23.74 3.55 -1.20
C SER C 69 24.93 4.25 -1.88
N GLN C 70 25.04 4.13 -3.19
CA GLN C 70 26.12 4.76 -3.96
C GLN C 70 26.10 6.28 -3.81
N LEU C 71 24.89 6.81 -3.64
CA LEU C 71 24.69 8.24 -3.47
C LEU C 71 25.37 8.73 -2.22
N GLU C 72 25.19 8.03 -1.11
CA GLU C 72 25.82 8.43 0.16
C GLU C 72 27.35 8.28 0.06
N ALA C 73 27.82 7.36 -0.77
CA ALA C 73 29.25 7.18 -1.03
C ALA C 73 29.79 8.34 -1.85
N THR C 74 29.07 8.66 -2.93
CA THR C 74 29.44 9.75 -3.79
C THR C 74 29.41 11.09 -3.04
N LYS C 75 28.50 11.23 -2.08
CA LYS C 75 28.50 12.46 -1.29
C LYS C 75 29.69 12.53 -0.31
N ASN C 76 30.08 11.40 0.26
CA ASN C 76 31.27 11.30 1.12
C ASN C 76 32.51 11.68 0.35
N LEU C 77 32.58 11.21 -0.89
CA LEU C 77 33.78 11.35 -1.68
C LEU C 77 34.00 12.80 -2.08
N ILE C 78 32.99 13.42 -2.70
CA ILE C 78 33.07 14.85 -3.08
C ILE C 78 33.28 15.79 -1.87
N GLY C 79 32.94 15.31 -0.67
CA GLY C 79 33.16 16.04 0.57
C GLY C 79 34.64 16.17 0.88
N ASP C 80 35.42 15.16 0.49
CA ASP C 80 36.88 15.22 0.56
C ASP C 80 37.40 16.26 -0.42
N PRO C 81 37.66 17.48 0.08
CA PRO C 81 38.03 18.61 -0.78
C PRO C 81 39.24 18.21 -1.61
N ASN C 82 39.79 17.04 -1.28
CA ASN C 82 40.92 16.44 -1.97
C ASN C 82 40.59 15.08 -2.59
N ALA C 83 39.31 14.84 -2.86
CA ALA C 83 38.92 13.70 -3.67
C ALA C 83 39.76 13.50 -4.94
N THR C 84 39.87 12.27 -5.42
CA THR C 84 40.72 11.98 -6.58
C THR C 84 40.02 12.01 -7.95
N VAL C 85 40.74 12.51 -8.96
CA VAL C 85 40.31 12.48 -10.35
C VAL C 85 39.84 11.06 -10.72
N ALA C 86 40.60 10.04 -10.31
CA ALA C 86 40.29 8.66 -10.65
C ALA C 86 39.07 8.16 -9.88
N ASP C 87 39.10 8.32 -8.57
CA ASP C 87 37.99 7.93 -7.71
C ASP C 87 36.69 8.65 -8.08
N LEU C 88 36.77 9.95 -8.35
CA LEU C 88 35.63 10.73 -8.81
C LEU C 88 35.07 10.22 -10.13
N GLN C 89 35.95 9.81 -11.04
CA GLN C 89 35.54 9.23 -12.32
C GLN C 89 34.81 7.89 -12.13
N ILE C 90 35.28 7.07 -11.19
CA ILE C 90 34.64 5.77 -10.89
C ILE C 90 33.29 5.99 -10.22
N ALA C 91 33.28 6.79 -9.16
CA ALA C 91 32.04 7.16 -8.50
C ALA C 91 31.01 7.60 -9.52
N TYR C 92 31.42 8.44 -10.47
CA TYR C 92 30.55 8.86 -11.56
C TYR C 92 30.04 7.66 -12.37
N THR C 93 30.96 6.83 -12.85
CA THR C 93 30.59 5.66 -13.63
C THR C 93 29.55 4.77 -12.93
N THR C 94 29.77 4.56 -11.63
CA THR C 94 28.89 3.74 -10.80
C THR C 94 27.57 4.45 -10.57
N LEU C 95 27.60 5.67 -10.03
CA LEU C 95 26.36 6.40 -9.86
C LEU C 95 25.56 6.52 -11.18
N GLY C 96 26.26 6.69 -12.29
CA GLY C 96 25.62 6.75 -13.59
C GLY C 96 24.86 5.48 -13.93
N ASN C 97 25.50 4.34 -13.73
CA ASN C 97 24.86 3.07 -13.99
C ASN C 97 23.67 2.79 -13.07
N ASN C 98 23.83 3.15 -11.80
CA ASN C 98 22.78 2.98 -10.83
C ASN C 98 21.54 3.81 -11.15
N THR C 99 21.73 5.09 -11.47
CA THR C 99 20.62 5.99 -11.85
C THR C 99 19.91 5.56 -13.14
N GLN C 100 20.68 5.23 -14.16
CA GLN C 100 20.13 4.71 -15.41
C GLN C 100 19.20 3.53 -15.19
N ALA C 101 19.67 2.56 -14.40
CA ALA C 101 18.93 1.32 -14.18
C ALA C 101 17.68 1.64 -13.38
N LEU C 102 17.83 2.50 -12.38
CA LEU C 102 16.71 2.98 -11.58
C LEU C 102 15.72 3.67 -12.49
N GLY C 103 16.25 4.42 -13.44
CA GLY C 103 15.45 5.11 -14.45
C GLY C 103 14.63 4.13 -15.25
N ASN C 104 15.32 3.18 -15.87
CA ASN C 104 14.65 2.16 -16.67
C ASN C 104 13.58 1.43 -15.88
N GLU C 105 13.83 1.24 -14.58
CA GLU C 105 12.84 0.63 -13.67
C GLU C 105 11.61 1.48 -13.55
N LEU C 106 11.80 2.75 -13.24
CA LEU C 106 10.68 3.68 -13.18
C LEU C 106 9.85 3.66 -14.47
N ILE C 107 10.50 3.46 -15.60
CA ILE C 107 9.83 3.43 -16.89
C ILE C 107 9.08 2.14 -17.05
N LYS C 108 9.78 1.03 -16.76
CA LYS C 108 9.24 -0.31 -16.88
C LYS C 108 7.95 -0.63 -16.14
N LEU C 109 7.71 0.04 -15.02
CA LEU C 109 6.49 -0.19 -14.24
C LEU C 109 5.15 0.06 -14.93
N ASN C 110 4.95 1.30 -15.38
CA ASN C 110 3.67 1.73 -15.95
C ASN C 110 3.73 2.27 -17.39
N ASP D 25 1.16 -25.35 20.86
CA ASP D 25 0.86 -26.59 20.11
C ASP D 25 0.46 -26.31 18.64
N SER D 26 0.94 -25.18 18.11
CA SER D 26 0.63 -24.75 16.74
C SER D 26 1.81 -25.11 15.83
N VAL D 27 1.51 -25.46 14.58
CA VAL D 27 2.53 -25.93 13.64
C VAL D 27 3.45 -24.82 13.17
N ARG D 28 4.47 -25.19 12.39
CA ARG D 28 5.41 -24.23 11.85
C ARG D 28 4.79 -23.40 10.73
N GLU D 29 4.01 -24.06 9.88
CA GLU D 29 3.35 -23.38 8.78
C GLU D 29 2.57 -22.18 9.35
N ASN D 30 2.56 -22.07 10.68
CA ASN D 30 2.03 -20.93 11.46
C ASN D 30 2.81 -19.63 11.29
N LEU D 31 3.88 -19.66 10.50
CA LEU D 31 4.59 -18.46 10.12
C LEU D 31 3.77 -17.73 9.06
N ASP D 32 2.50 -18.07 8.94
CA ASP D 32 1.61 -17.21 8.21
C ASP D 32 1.54 -15.95 9.03
N LYS D 33 1.60 -16.11 10.35
CA LYS D 33 1.49 -15.00 11.30
C LYS D 33 2.63 -14.00 11.21
N MET D 34 3.79 -14.48 10.76
CA MET D 34 4.92 -13.62 10.47
C MET D 34 4.87 -12.93 9.10
N ILE D 35 4.65 -13.73 8.05
CA ILE D 35 4.50 -13.17 6.71
C ILE D 35 3.55 -11.97 6.79
N SER D 36 2.45 -12.09 7.53
CA SER D 36 1.53 -10.96 7.61
C SER D 36 2.03 -9.86 8.53
N GLU D 37 2.80 -10.21 9.57
CA GLU D 37 3.49 -9.18 10.36
C GLU D 37 4.52 -8.44 9.50
N ALA D 38 5.23 -9.20 8.68
CA ALA D 38 6.27 -8.63 7.87
C ALA D 38 5.67 -7.74 6.82
N GLU D 39 4.55 -8.14 6.22
CA GLU D 39 4.00 -7.29 5.16
C GLU D 39 3.43 -6.03 5.78
N VAL D 40 2.81 -6.17 6.94
CA VAL D 40 2.38 -4.96 7.68
C VAL D 40 3.56 -4.00 7.92
N LEU D 41 4.61 -4.50 8.57
CA LEU D 41 5.78 -3.66 8.78
C LEU D 41 6.45 -3.10 7.56
N ASN D 42 6.40 -3.86 6.47
CA ASN D 42 7.01 -3.39 5.24
C ASN D 42 6.26 -2.23 4.65
N ASP D 43 4.94 -2.27 4.69
CA ASP D 43 4.16 -1.15 4.23
C ASP D 43 4.47 0.10 5.05
N MET D 44 4.48 -0.05 6.36
CA MET D 44 4.88 1.04 7.26
C MET D 44 6.21 1.65 6.85
N ALA D 45 7.14 0.80 6.48
CA ALA D 45 8.45 1.32 6.24
C ALA D 45 8.46 2.04 4.89
N ALA D 46 7.65 1.54 3.95
CA ALA D 46 7.62 2.07 2.61
C ALA D 46 7.08 3.49 2.67
N ARG D 47 6.16 3.71 3.60
CA ARG D 47 5.63 5.04 3.78
C ARG D 47 6.60 5.91 4.56
N LYS D 48 7.13 5.43 5.68
CA LYS D 48 8.02 6.26 6.49
C LYS D 48 9.25 6.68 5.67
N LEU D 49 9.41 6.05 4.52
CA LEU D 49 10.60 6.22 3.71
C LEU D 49 10.71 7.61 3.12
N ILE D 50 9.62 8.09 2.54
CA ILE D 50 9.58 9.44 1.96
C ILE D 50 9.80 10.61 2.95
N THR D 51 9.38 10.42 4.19
CA THR D 51 9.44 11.47 5.21
C THR D 51 10.81 11.52 5.90
N LEU D 52 11.84 10.97 5.25
CA LEU D 52 13.16 10.88 5.88
C LEU D 52 14.26 11.51 5.04
N ASP D 53 15.30 11.99 5.71
CA ASP D 53 16.47 12.52 5.00
C ASP D 53 17.27 11.36 4.48
N ALA D 54 18.25 11.66 3.63
CA ALA D 54 19.05 10.64 2.95
C ALA D 54 19.75 9.65 3.88
N GLU D 55 20.47 10.14 4.89
CA GLU D 55 21.24 9.25 5.77
C GLU D 55 20.32 8.25 6.44
N GLN D 56 19.20 8.72 6.98
CA GLN D 56 18.34 7.77 7.65
C GLN D 56 17.37 7.08 6.71
N GLN D 57 17.16 7.66 5.53
CA GLN D 57 16.39 6.98 4.49
C GLN D 57 17.03 5.66 4.09
N LEU D 58 18.34 5.67 3.90
CA LEU D 58 19.08 4.48 3.50
C LEU D 58 19.05 3.40 4.56
N GLU D 59 19.13 3.78 5.83
CA GLU D 59 19.29 2.76 6.83
C GLU D 59 17.98 2.02 7.00
N LEU D 60 16.88 2.74 6.86
CA LEU D 60 15.58 2.11 6.83
C LEU D 60 15.48 1.23 5.60
N MET D 61 15.93 1.75 4.46
CA MET D 61 15.82 1.03 3.21
C MET D 61 16.52 -0.31 3.32
N LYS D 62 17.73 -0.28 3.87
CA LYS D 62 18.55 -1.49 4.00
C LYS D 62 17.79 -2.59 4.71
N SER D 63 17.14 -2.25 5.82
CA SER D 63 16.48 -3.29 6.55
C SER D 63 15.19 -3.67 5.88
N LEU D 64 14.59 -2.71 5.17
CA LEU D 64 13.39 -3.01 4.40
C LEU D 64 13.66 -4.05 3.33
N VAL D 65 14.66 -3.81 2.46
CA VAL D 65 14.91 -4.72 1.32
C VAL D 65 15.10 -6.13 1.80
N ALA D 66 15.88 -6.26 2.87
CA ALA D 66 16.28 -7.55 3.42
C ALA D 66 15.03 -8.25 3.89
N THR D 67 14.20 -7.54 4.65
CA THR D 67 12.93 -8.11 5.05
C THR D 67 12.08 -8.46 3.84
N GLN D 68 12.04 -7.58 2.85
CA GLN D 68 11.24 -7.86 1.68
C GLN D 68 11.75 -9.07 0.90
N SER D 69 13.06 -9.25 0.89
CA SER D 69 13.67 -10.33 0.10
C SER D 69 13.37 -11.67 0.71
N GLN D 70 13.52 -11.69 2.03
CA GLN D 70 13.31 -12.86 2.85
C GLN D 70 11.84 -13.26 2.78
N LEU D 71 10.98 -12.27 2.79
CA LEU D 71 9.56 -12.52 2.76
C LEU D 71 9.19 -13.24 1.50
N GLU D 72 9.76 -12.81 0.37
CA GLU D 72 9.43 -13.41 -0.92
C GLU D 72 9.91 -14.83 -1.02
N ALA D 73 11.05 -15.06 -0.38
CA ALA D 73 11.68 -16.36 -0.39
C ALA D 73 10.87 -17.35 0.46
N THR D 74 10.47 -16.90 1.63
CA THR D 74 9.69 -17.70 2.53
C THR D 74 8.38 -18.06 1.85
N LYS D 75 7.91 -17.16 0.99
CA LYS D 75 6.66 -17.34 0.28
C LYS D 75 6.80 -18.47 -0.71
N ASN D 76 7.90 -18.46 -1.46
CA ASN D 76 8.16 -19.55 -2.40
C ASN D 76 8.29 -20.88 -1.69
N LEU D 77 8.82 -20.85 -0.47
CA LEU D 77 9.10 -22.08 0.21
C LEU D 77 7.80 -22.69 0.68
N ILE D 78 6.96 -21.97 1.37
CA ILE D 78 5.76 -22.61 1.82
C ILE D 78 4.94 -23.07 0.69
N GLY D 79 5.44 -22.83 -0.53
CA GLY D 79 4.74 -23.23 -1.73
C GLY D 79 4.97 -24.70 -2.08
N ASP D 80 6.04 -25.26 -1.52
CA ASP D 80 6.38 -26.66 -1.77
C ASP D 80 5.42 -27.47 -0.90
N PRO D 81 4.52 -28.20 -1.56
CA PRO D 81 3.55 -29.04 -0.84
C PRO D 81 4.23 -29.95 0.17
N ASN D 82 5.55 -30.03 0.12
CA ASN D 82 6.32 -30.87 1.04
C ASN D 82 7.71 -30.31 1.31
N ALA D 83 7.79 -29.31 2.18
CA ALA D 83 9.07 -28.70 2.53
C ALA D 83 9.76 -29.37 3.70
N THR D 84 11.08 -29.21 3.79
CA THR D 84 11.86 -29.80 4.87
C THR D 84 11.62 -29.08 6.18
N VAL D 85 11.05 -29.79 7.15
CA VAL D 85 10.76 -29.22 8.45
C VAL D 85 11.81 -28.16 8.79
N ALA D 86 13.08 -28.49 8.50
CA ALA D 86 14.18 -27.60 8.85
C ALA D 86 14.19 -26.36 7.99
N ASP D 87 14.06 -26.53 6.67
CA ASP D 87 14.06 -25.36 5.76
C ASP D 87 13.00 -24.33 6.13
N LEU D 88 11.82 -24.82 6.49
CA LEU D 88 10.73 -24.04 7.02
C LEU D 88 11.14 -23.37 8.32
N GLN D 89 11.79 -24.14 9.18
CA GLN D 89 12.21 -23.64 10.48
C GLN D 89 13.21 -22.48 10.40
N ILE D 90 14.07 -22.51 9.38
CA ILE D 90 15.03 -21.44 9.17
C ILE D 90 14.31 -20.22 8.59
N ALA D 91 13.43 -20.49 7.64
CA ALA D 91 12.61 -19.45 7.02
C ALA D 91 11.89 -18.69 8.14
N TYR D 92 11.14 -19.41 8.99
CA TYR D 92 10.44 -18.73 10.08
C TYR D 92 11.43 -17.98 10.95
N THR D 93 12.56 -18.60 11.25
CA THR D 93 13.51 -17.98 12.16
C THR D 93 14.12 -16.74 11.52
N THR D 94 14.52 -16.83 10.25
CA THR D 94 15.23 -15.73 9.59
C THR D 94 14.30 -14.55 9.34
N LEU D 95 13.12 -14.87 8.80
CA LEU D 95 12.13 -13.86 8.55
C LEU D 95 11.82 -13.15 9.83
N GLY D 96 11.74 -13.91 10.91
CA GLY D 96 11.45 -13.37 12.23
C GLY D 96 12.47 -12.33 12.61
N ASN D 97 13.73 -12.66 12.37
CA ASN D 97 14.83 -11.82 12.74
C ASN D 97 14.86 -10.54 11.93
N ASN D 98 14.64 -10.65 10.62
CA ASN D 98 14.55 -9.45 9.78
C ASN D 98 13.40 -8.52 10.20
N THR D 99 12.24 -9.12 10.41
CA THR D 99 11.06 -8.39 10.82
C THR D 99 11.21 -7.68 12.16
N GLN D 100 11.74 -8.38 13.16
CA GLN D 100 12.03 -7.79 14.46
C GLN D 100 12.95 -6.60 14.28
N ALA D 101 13.99 -6.77 13.47
CA ALA D 101 14.95 -5.71 13.19
C ALA D 101 14.29 -4.47 12.59
N LEU D 102 13.39 -4.70 11.63
CA LEU D 102 12.70 -3.62 10.94
C LEU D 102 11.79 -2.85 11.88
N GLY D 103 11.02 -3.59 12.68
CA GLY D 103 10.22 -3.01 13.77
C GLY D 103 11.06 -2.09 14.64
N ASN D 104 12.19 -2.60 15.13
CA ASN D 104 13.12 -1.81 15.92
C ASN D 104 13.65 -0.60 15.17
N GLU D 105 13.92 -0.76 13.88
CA GLU D 105 14.41 0.35 13.06
C GLU D 105 13.37 1.45 13.00
N LEU D 106 12.13 1.05 12.78
CA LEU D 106 11.01 1.96 12.77
C LEU D 106 10.90 2.67 14.10
N ILE D 107 11.10 1.91 15.17
CA ILE D 107 11.01 2.44 16.52
C ILE D 107 12.06 3.51 16.83
N LYS D 108 13.31 3.31 16.40
CA LYS D 108 14.28 4.41 16.38
C LYS D 108 13.92 5.68 15.59
N LEU D 109 13.71 5.52 14.29
CA LEU D 109 13.36 6.62 13.35
C LEU D 109 12.18 7.51 13.77
N ASN D 110 11.14 6.90 14.33
CA ASN D 110 9.97 7.65 14.77
C ASN D 110 9.70 7.69 16.27
C1 GLC E . 17.02 8.93 -16.77
C2 GLC E . 16.70 7.72 -17.66
C3 GLC E . 17.85 6.73 -17.76
C4 GLC E . 19.15 7.49 -18.05
C5 GLC E . 19.50 8.30 -16.80
C6 GLC E . 20.83 9.08 -16.93
O1 GLC E . 16.16 8.94 -15.62
O2 GLC E . 15.50 7.04 -17.27
O3 GLC E . 17.45 5.84 -18.81
O4 GLC E . 20.27 6.66 -18.46
O5 GLC E . 18.42 9.17 -16.40
O6 GLC E . 21.97 8.21 -17.15
#